data_6AAX
#
_entry.id   6AAX
#
_cell.length_a   104.120
_cell.length_b   104.120
_cell.length_c   449.378
_cell.angle_alpha   90.000
_cell.angle_beta   90.000
_cell.angle_gamma   120.000
#
_symmetry.space_group_name_H-M   'P 61 2 2'
#
loop_
_entity.id
_entity.type
_entity.pdbx_description
1 polymer 'Dimethyladenosine transferase 1, mitochondrial'
2 polymer 'RNA (28-mer)'
3 non-polymer S-ADENOSYLMETHIONINE
4 non-polymer DI(HYDROXYETHYL)ETHER
#
loop_
_entity_poly.entity_id
_entity_poly.type
_entity_poly.pdbx_seq_one_letter_code
_entity_poly.pdbx_strand_id
1 'polypeptide(L)'
;QAAKQLSQNFLLDLRLTDKIVRKAGNLTNAYVYEVGPGPGGITRSILNADVAELLVVEKDTRFIPGLQMLSDAAPGKLRI
VHGDVLTFKVEKAFSESLKRPWEDDPPNVHIIGNLPFSVSTPLIIKWLENISCRDGPFVYGRTQMTLTFQKEVAERLAAN
TGSKQRSRLSVMAQYLCNVRHIFTIPGQAFVPKPEVDVGVVHFTPLIQPKIEQPFKLVEKVVQNVFQFRRKYCHRGLRML
FPEAQRLESTGRLLELADIDPTLRPRQLSISHFKSLCDVYRKMCDEDPQLFAYNFREELKRRKSKNEEKEEDDAENYRL
;
A,C
2 'polyribonucleotide' GGUAAGUGUACUGGAAAGUGCACUUGCC B,D
#
loop_
_chem_comp.id
_chem_comp.type
_chem_comp.name
_chem_comp.formula
A RNA linking ADENOSINE-5'-MONOPHOSPHATE 'C10 H14 N5 O7 P'
C RNA linking CYTIDINE-5'-MONOPHOSPHATE 'C9 H14 N3 O8 P'
G RNA linking GUANOSINE-5'-MONOPHOSPHATE 'C10 H14 N5 O8 P'
PEG non-polymer DI(HYDROXYETHYL)ETHER 'C4 H10 O3'
SAM non-polymer S-ADENOSYLMETHIONINE 'C15 H22 N6 O5 S'
U RNA linking URIDINE-5'-MONOPHOSPHATE 'C9 H13 N2 O9 P'
#
# COMPACT_ATOMS: atom_id res chain seq x y z
N GLN A 8 -3.72 -5.85 11.08
CA GLN A 8 -2.82 -5.00 11.86
C GLN A 8 -1.75 -4.30 10.98
N ASN A 9 -0.66 -5.00 10.64
CA ASN A 9 0.48 -4.43 9.91
C ASN A 9 0.56 -5.04 8.52
N PHE A 10 0.47 -4.19 7.49
CA PHE A 10 0.33 -4.63 6.11
C PHE A 10 1.58 -4.33 5.28
N LEU A 11 1.71 -5.06 4.19
CA LEU A 11 2.84 -4.94 3.27
C LEU A 11 2.31 -4.52 1.91
N LEU A 12 2.67 -3.32 1.48
CA LEU A 12 2.14 -2.72 0.27
C LEU A 12 3.21 -2.32 -0.73
N ASP A 13 4.50 -2.43 -0.39
CA ASP A 13 5.56 -1.98 -1.28
C ASP A 13 5.74 -2.95 -2.42
N LEU A 14 5.45 -2.50 -3.64
CA LEU A 14 5.57 -3.36 -4.80
C LEU A 14 6.99 -3.89 -4.98
N ARG A 15 8.02 -3.10 -4.63
CA ARG A 15 9.39 -3.58 -4.78
C ARG A 15 9.59 -4.87 -3.99
N LEU A 16 8.96 -4.95 -2.81
CA LEU A 16 9.09 -6.06 -1.87
C LEU A 16 8.15 -7.22 -2.18
N THR A 17 6.84 -6.95 -2.27
CA THR A 17 5.91 -8.01 -2.68
C THR A 17 6.38 -8.69 -3.97
N ASP A 18 7.00 -7.93 -4.88
CA ASP A 18 7.62 -8.55 -6.04
C ASP A 18 8.80 -9.44 -5.62
N LYS A 19 9.71 -8.91 -4.79
CA LYS A 19 10.90 -9.67 -4.40
C LYS A 19 10.52 -10.99 -3.75
N ILE A 20 9.41 -11.01 -3.02
CA ILE A 20 8.99 -12.23 -2.35
C ILE A 20 8.58 -13.28 -3.38
N VAL A 21 7.60 -12.96 -4.23
CA VAL A 21 7.18 -13.87 -5.29
C VAL A 21 8.36 -14.26 -6.20
N ARG A 22 9.39 -13.42 -6.31
CA ARG A 22 10.59 -13.82 -7.04
C ARG A 22 11.32 -14.93 -6.30
N LYS A 23 11.52 -14.75 -5.00
CA LYS A 23 12.24 -15.73 -4.19
C LYS A 23 11.43 -17.00 -3.92
N ALA A 24 10.22 -17.13 -4.47
CA ALA A 24 9.49 -18.38 -4.35
C ALA A 24 9.92 -19.38 -5.40
N GLY A 25 10.53 -18.91 -6.47
CA GLY A 25 10.89 -19.73 -7.60
C GLY A 25 10.09 -19.32 -8.82
N ASN A 26 10.24 -20.11 -9.87
CA ASN A 26 9.45 -19.91 -11.06
C ASN A 26 8.02 -20.33 -10.76
N LEU A 27 7.07 -19.48 -11.09
CA LEU A 27 5.68 -19.72 -10.76
C LEU A 27 4.79 -19.71 -11.98
N THR A 28 5.35 -19.48 -13.16
CA THR A 28 4.55 -19.47 -14.37
C THR A 28 3.81 -20.79 -14.51
N ASN A 29 2.53 -20.68 -14.86
CA ASN A 29 1.56 -21.78 -14.91
C ASN A 29 1.68 -22.75 -13.75
N ALA A 30 1.98 -22.23 -12.58
CA ALA A 30 1.92 -23.01 -11.35
C ALA A 30 0.64 -22.72 -10.61
N TYR A 31 0.42 -23.50 -9.56
CA TYR A 31 -0.71 -23.36 -8.64
C TYR A 31 -0.20 -22.88 -7.29
N VAL A 32 -0.82 -21.83 -6.74
CA VAL A 32 -0.35 -21.25 -5.49
C VAL A 32 -1.50 -21.10 -4.49
N TYR A 33 -1.21 -21.36 -3.22
CA TYR A 33 -2.12 -21.14 -2.09
C TYR A 33 -1.52 -20.05 -1.22
N GLU A 34 -2.06 -18.82 -1.33
CA GLU A 34 -1.63 -17.72 -0.49
C GLU A 34 -2.51 -17.69 0.77
N VAL A 35 -1.87 -17.72 1.94
CA VAL A 35 -2.59 -17.72 3.20
C VAL A 35 -2.60 -16.32 3.78
N GLY A 36 -3.78 -15.82 4.13
CA GLY A 36 -3.93 -14.47 4.62
C GLY A 36 -3.51 -13.41 3.62
N PRO A 37 -4.20 -13.36 2.48
CA PRO A 37 -3.85 -12.36 1.45
C PRO A 37 -3.86 -10.95 1.98
N GLY A 38 -4.81 -10.64 2.85
CA GLY A 38 -4.99 -9.32 3.38
C GLY A 38 -5.46 -8.36 2.31
N PRO A 39 -4.83 -7.18 2.29
CA PRO A 39 -5.22 -6.15 1.31
C PRO A 39 -4.85 -6.50 -0.11
N GLY A 40 -4.08 -7.55 -0.33
CA GLY A 40 -3.78 -8.07 -1.65
C GLY A 40 -2.41 -7.74 -2.20
N GLY A 41 -1.53 -7.14 -1.40
CA GLY A 41 -0.21 -6.80 -1.90
C GLY A 41 0.54 -8.00 -2.42
N ILE A 42 0.67 -9.04 -1.59
CA ILE A 42 1.36 -10.25 -2.04
C ILE A 42 0.63 -10.87 -3.22
N THR A 43 -0.70 -10.81 -3.21
CA THR A 43 -1.40 -11.57 -4.24
C THR A 43 -1.49 -10.82 -5.56
N ARG A 44 -1.53 -9.49 -5.55
CA ARG A 44 -1.32 -8.74 -6.78
C ARG A 44 -0.02 -9.15 -7.45
N SER A 45 1.07 -9.27 -6.67
CA SER A 45 2.33 -9.71 -7.24
C SER A 45 2.25 -11.15 -7.74
N ILE A 46 1.67 -12.05 -6.94
CA ILE A 46 1.51 -13.45 -7.39
C ILE A 46 0.77 -13.51 -8.72
N LEU A 47 -0.39 -12.86 -8.78
CA LEU A 47 -1.16 -12.80 -10.03
C LEU A 47 -0.31 -12.34 -11.21
N ASN A 48 0.65 -11.46 -10.96
CA ASN A 48 1.54 -10.94 -11.98
C ASN A 48 2.71 -11.87 -12.31
N ALA A 49 2.72 -13.10 -11.80
CA ALA A 49 3.69 -14.10 -12.24
C ALA A 49 3.07 -15.16 -13.17
N ASP A 50 2.01 -14.78 -13.89
CA ASP A 50 1.30 -15.63 -14.84
C ASP A 50 1.12 -17.06 -14.29
N VAL A 51 0.36 -17.16 -13.20
CA VAL A 51 0.12 -18.46 -12.59
C VAL A 51 -1.07 -19.15 -13.26
N ALA A 52 -1.25 -20.43 -12.97
CA ALA A 52 -2.41 -21.16 -13.48
C ALA A 52 -3.66 -20.79 -12.68
N GLU A 53 -3.62 -21.02 -11.38
CA GLU A 53 -4.65 -20.45 -10.54
C GLU A 53 -4.03 -20.15 -9.18
N LEU A 54 -4.51 -19.07 -8.55
CA LEU A 54 -4.06 -18.68 -7.22
C LEU A 54 -5.24 -18.86 -6.28
N LEU A 55 -5.15 -19.81 -5.38
CA LEU A 55 -6.15 -19.93 -4.34
C LEU A 55 -5.71 -19.12 -3.14
N VAL A 56 -6.65 -18.37 -2.57
CA VAL A 56 -6.31 -17.48 -1.48
C VAL A 56 -7.37 -17.64 -0.39
N VAL A 57 -6.96 -17.89 0.84
CA VAL A 57 -7.87 -18.15 1.94
C VAL A 57 -7.70 -17.06 2.99
N GLU A 58 -8.80 -16.44 3.37
CA GLU A 58 -8.79 -15.23 4.17
C GLU A 58 -9.91 -15.30 5.21
N LYS A 59 -9.57 -14.98 6.46
CA LYS A 59 -10.52 -15.17 7.55
C LYS A 59 -11.53 -14.03 7.64
N ASP A 60 -11.13 -12.82 7.24
CA ASP A 60 -11.83 -11.57 7.52
C ASP A 60 -12.58 -11.08 6.28
N THR A 61 -13.92 -11.02 6.36
CA THR A 61 -14.77 -10.75 5.19
C THR A 61 -14.47 -9.40 4.52
N ARG A 62 -13.99 -8.43 5.28
CA ARG A 62 -13.87 -7.08 4.75
C ARG A 62 -12.72 -6.92 3.78
N PHE A 63 -11.81 -7.89 3.71
CA PHE A 63 -10.80 -7.84 2.67
C PHE A 63 -11.28 -8.39 1.33
N ILE A 64 -12.53 -8.82 1.22
CA ILE A 64 -13.05 -9.42 0.00
C ILE A 64 -13.31 -8.38 -1.09
N PRO A 65 -14.11 -7.29 -0.85
CA PRO A 65 -14.33 -6.30 -1.92
C PRO A 65 -13.06 -5.93 -2.67
N GLY A 66 -11.99 -5.64 -1.92
CA GLY A 66 -10.74 -5.26 -2.55
C GLY A 66 -10.08 -6.41 -3.27
N LEU A 67 -10.05 -7.58 -2.65
CA LEU A 67 -9.42 -8.74 -3.29
C LEU A 67 -10.13 -9.09 -4.58
N GLN A 68 -11.40 -8.76 -4.68
CA GLN A 68 -12.13 -9.16 -5.86
C GLN A 68 -11.86 -8.21 -7.01
N MET A 69 -11.56 -6.95 -6.70
CA MET A 69 -11.06 -6.03 -7.71
C MET A 69 -9.81 -6.55 -8.37
N LEU A 70 -8.92 -7.21 -7.61
CA LEU A 70 -7.78 -7.90 -8.21
C LEU A 70 -8.23 -9.04 -9.10
N SER A 71 -9.25 -9.81 -8.69
CA SER A 71 -9.69 -10.88 -9.57
C SER A 71 -10.46 -10.34 -10.75
N ASP A 72 -11.16 -9.21 -10.58
CA ASP A 72 -11.78 -8.58 -11.75
C ASP A 72 -10.73 -8.25 -12.80
N ALA A 73 -9.48 -8.00 -12.38
CA ALA A 73 -8.37 -7.72 -13.28
C ALA A 73 -7.73 -8.96 -13.87
N ALA A 74 -7.98 -10.15 -13.32
CA ALA A 74 -7.37 -11.40 -13.81
C ALA A 74 -8.37 -12.54 -13.64
N PRO A 75 -9.40 -12.56 -14.47
CA PRO A 75 -10.53 -13.46 -14.22
C PRO A 75 -10.10 -14.91 -14.31
N GLY A 76 -10.73 -15.75 -13.49
CA GLY A 76 -10.34 -17.14 -13.43
C GLY A 76 -8.97 -17.39 -12.85
N LYS A 77 -8.13 -16.36 -12.74
CA LYS A 77 -6.80 -16.58 -12.17
C LYS A 77 -6.83 -16.64 -10.64
N LEU A 78 -7.78 -15.95 -9.99
CA LEU A 78 -7.77 -15.82 -8.53
C LEU A 78 -9.08 -16.33 -7.91
N ARG A 79 -8.97 -17.33 -7.05
CA ARG A 79 -10.10 -17.92 -6.35
C ARG A 79 -10.03 -17.55 -4.87
N ILE A 80 -10.96 -16.71 -4.43
CA ILE A 80 -10.96 -16.16 -3.08
C ILE A 80 -11.85 -17.05 -2.24
N VAL A 81 -11.32 -17.55 -1.14
CA VAL A 81 -12.04 -18.45 -0.25
C VAL A 81 -12.06 -17.83 1.13
N HIS A 82 -13.27 -17.69 1.67
CA HIS A 82 -13.54 -17.19 3.01
C HIS A 82 -13.33 -18.32 4.00
N GLY A 83 -12.13 -18.41 4.59
CA GLY A 83 -11.82 -19.54 5.44
C GLY A 83 -10.72 -19.29 6.47
N ASP A 84 -10.67 -20.17 7.45
CA ASP A 84 -9.63 -20.11 8.46
C ASP A 84 -8.51 -21.05 8.02
N VAL A 85 -7.31 -20.48 7.89
CA VAL A 85 -6.14 -21.20 7.40
C VAL A 85 -5.85 -22.44 8.25
N LEU A 86 -5.94 -22.30 9.58
CA LEU A 86 -5.64 -23.40 10.50
C LEU A 86 -6.63 -24.56 10.40
N THR A 87 -7.66 -24.46 9.59
CA THR A 87 -8.62 -25.53 9.46
C THR A 87 -9.01 -25.82 8.02
N PHE A 88 -8.54 -25.02 7.06
CA PHE A 88 -8.93 -25.18 5.65
C PHE A 88 -8.18 -26.36 5.05
N LYS A 89 -8.93 -27.35 4.54
CA LYS A 89 -8.29 -28.59 4.05
C LYS A 89 -7.91 -28.39 2.57
N VAL A 90 -6.66 -27.96 2.35
CA VAL A 90 -6.16 -27.66 1.01
C VAL A 90 -6.02 -28.93 0.18
N GLU A 91 -5.90 -30.09 0.84
CA GLU A 91 -5.76 -31.34 0.12
C GLU A 91 -6.93 -31.61 -0.82
N LYS A 92 -8.14 -31.21 -0.44
CA LYS A 92 -9.27 -31.30 -1.34
C LYS A 92 -9.38 -30.07 -2.26
N ALA A 93 -8.37 -29.19 -2.27
CA ALA A 93 -8.52 -27.92 -2.99
C ALA A 93 -8.00 -27.94 -4.42
N PHE A 94 -7.03 -28.80 -4.74
CA PHE A 94 -6.56 -28.86 -6.11
C PHE A 94 -6.75 -30.26 -6.69
N SER A 95 -6.71 -30.31 -8.04
CA SER A 95 -6.90 -31.56 -8.77
C SER A 95 -5.93 -32.63 -8.28
N GLU A 96 -6.46 -33.86 -8.14
CA GLU A 96 -5.58 -34.99 -7.84
C GLU A 96 -4.44 -35.07 -8.86
N SER A 97 -4.68 -34.58 -10.09
CA SER A 97 -3.68 -34.59 -11.14
C SER A 97 -2.33 -34.02 -10.72
N LEU A 98 -2.31 -33.08 -9.77
CA LEU A 98 -1.04 -32.43 -9.45
C LEU A 98 -0.20 -33.17 -8.44
N LYS A 99 -0.69 -34.28 -7.88
CA LYS A 99 0.14 -35.08 -6.98
C LYS A 99 1.29 -35.70 -7.77
N ARG A 100 2.50 -35.32 -7.42
CA ARG A 100 3.75 -35.88 -7.88
C ARG A 100 4.40 -36.66 -6.73
N PRO A 101 5.08 -37.77 -7.01
CA PRO A 101 5.62 -38.57 -5.90
C PRO A 101 6.69 -37.82 -5.11
N TRP A 102 7.01 -38.39 -3.95
CA TRP A 102 7.86 -37.71 -2.97
C TRP A 102 9.32 -37.65 -3.40
N GLU A 103 9.80 -38.65 -4.14
CA GLU A 103 11.17 -38.70 -4.59
C GLU A 103 11.40 -37.92 -5.88
N ASP A 104 10.30 -37.55 -6.54
CA ASP A 104 10.34 -36.71 -7.74
C ASP A 104 10.70 -35.29 -7.39
N ASP A 105 10.40 -34.37 -8.29
CA ASP A 105 10.58 -32.98 -7.95
C ASP A 105 9.35 -32.46 -7.23
N PRO A 106 9.47 -31.33 -6.55
CA PRO A 106 8.31 -30.70 -5.90
C PRO A 106 7.21 -30.47 -6.91
N PRO A 107 5.95 -30.73 -6.54
CA PRO A 107 4.85 -30.56 -7.47
C PRO A 107 4.72 -29.11 -7.93
N ASN A 108 3.82 -28.90 -8.89
CA ASN A 108 3.54 -27.58 -9.43
C ASN A 108 2.68 -26.76 -8.46
N VAL A 109 2.81 -27.03 -7.17
CA VAL A 109 1.98 -26.43 -6.13
C VAL A 109 2.91 -25.76 -5.13
N HIS A 110 2.57 -24.50 -4.79
CA HIS A 110 3.36 -23.71 -3.84
C HIS A 110 2.47 -22.98 -2.84
N ILE A 111 3.00 -22.85 -1.63
CA ILE A 111 2.38 -22.07 -0.58
C ILE A 111 3.15 -20.78 -0.42
N ILE A 112 2.43 -19.67 -0.25
CA ILE A 112 3.01 -18.37 0.06
C ILE A 112 2.15 -17.70 1.12
N GLY A 113 2.79 -17.15 2.13
CA GLY A 113 2.00 -16.56 3.22
C GLY A 113 2.72 -15.45 3.93
N ASN A 114 1.93 -14.41 4.30
CA ASN A 114 2.36 -13.38 5.27
C ASN A 114 1.28 -13.18 6.31
N LEU A 115 1.28 -14.02 7.30
CA LEU A 115 0.27 -14.01 8.35
C LEU A 115 0.81 -13.38 9.60
N PRO A 116 -0.06 -12.91 10.49
CA PRO A 116 0.40 -12.50 11.81
C PRO A 116 1.23 -13.60 12.46
N PHE A 117 2.35 -13.21 13.05
CA PHE A 117 3.22 -14.19 13.69
C PHE A 117 2.47 -15.04 14.70
N SER A 118 1.40 -14.50 15.26
CA SER A 118 0.46 -15.26 16.07
C SER A 118 -0.02 -16.53 15.37
N VAL A 119 -0.34 -16.45 14.08
CA VAL A 119 -0.86 -17.61 13.37
C VAL A 119 0.24 -18.42 12.71
N SER A 120 1.22 -17.74 12.11
CA SER A 120 2.22 -18.42 11.29
C SER A 120 3.06 -19.39 12.13
N THR A 121 3.47 -18.98 13.34
CA THR A 121 4.31 -19.87 14.14
C THR A 121 3.64 -21.22 14.41
N PRO A 122 2.47 -21.29 15.06
CA PRO A 122 1.76 -22.58 15.10
C PRO A 122 1.58 -23.26 13.74
N LEU A 123 1.23 -22.52 12.69
CA LEU A 123 1.03 -23.13 11.37
C LEU A 123 2.23 -23.93 10.93
N ILE A 124 3.43 -23.33 10.99
CA ILE A 124 4.61 -24.07 10.55
C ILE A 124 4.84 -25.30 11.40
N ILE A 125 4.28 -25.36 12.61
CA ILE A 125 4.41 -26.55 13.41
C ILE A 125 3.44 -27.62 12.92
N LYS A 126 2.16 -27.25 12.74
CA LYS A 126 1.21 -28.26 12.29
C LYS A 126 1.51 -28.68 10.86
N TRP A 127 2.12 -27.78 10.08
CA TRP A 127 2.52 -28.14 8.73
C TRP A 127 3.81 -28.95 8.75
N LEU A 128 4.69 -28.70 9.71
CA LEU A 128 5.91 -29.51 9.77
C LEU A 128 5.58 -30.97 9.99
N GLU A 129 4.74 -31.28 10.98
CA GLU A 129 4.35 -32.68 11.16
C GLU A 129 3.49 -33.17 10.00
N ASN A 130 2.79 -32.26 9.32
CA ASN A 130 2.13 -32.65 8.08
C ASN A 130 3.14 -33.22 7.09
N ILE A 131 4.36 -32.70 7.07
CA ILE A 131 5.40 -33.23 6.19
C ILE A 131 5.89 -34.58 6.70
N SER A 132 6.04 -34.71 8.03
CA SER A 132 6.39 -35.99 8.63
C SER A 132 5.48 -37.10 8.11
N CYS A 133 4.17 -36.85 8.16
CA CYS A 133 3.14 -37.79 7.80
C CYS A 133 2.81 -37.77 6.31
N ARG A 134 3.47 -36.90 5.56
CA ARG A 134 3.17 -36.70 4.14
C ARG A 134 1.68 -36.45 3.88
N ASP A 135 0.94 -35.90 4.85
CA ASP A 135 -0.44 -35.50 4.59
C ASP A 135 -0.55 -33.97 4.50
N GLY A 136 -1.78 -33.48 4.58
CA GLY A 136 -2.02 -32.07 4.54
C GLY A 136 -1.64 -31.51 3.20
N PRO A 137 -1.14 -30.29 3.17
CA PRO A 137 -0.66 -29.71 1.92
C PRO A 137 0.36 -30.56 1.19
N PHE A 138 0.91 -31.58 1.82
CA PHE A 138 1.98 -32.39 1.25
C PHE A 138 1.47 -33.67 0.63
N VAL A 139 0.15 -33.83 0.53
CA VAL A 139 -0.39 -34.93 -0.24
C VAL A 139 0.06 -34.82 -1.69
N TYR A 140 0.25 -33.59 -2.17
CA TYR A 140 0.79 -33.35 -3.51
C TYR A 140 2.28 -33.55 -3.54
N GLY A 141 2.92 -33.57 -2.38
CA GLY A 141 4.18 -34.26 -2.23
C GLY A 141 5.39 -33.39 -2.40
N ARG A 142 5.91 -32.90 -1.28
CA ARG A 142 7.09 -32.05 -1.25
C ARG A 142 6.79 -30.68 -1.83
N THR A 143 5.54 -30.25 -1.69
CA THR A 143 5.18 -28.88 -2.06
C THR A 143 5.99 -27.91 -1.23
N GLN A 144 6.43 -26.82 -1.85
CA GLN A 144 7.29 -25.87 -1.15
C GLN A 144 6.51 -24.65 -0.62
N MET A 145 7.11 -24.00 0.37
CA MET A 145 6.45 -22.91 1.09
C MET A 145 7.36 -21.70 1.21
N THR A 146 6.78 -20.52 1.05
CA THR A 146 7.46 -19.24 1.31
C THR A 146 6.63 -18.44 2.32
N LEU A 147 7.13 -18.32 3.54
CA LEU A 147 6.40 -17.68 4.61
C LEU A 147 7.37 -16.79 5.37
N THR A 148 6.92 -16.36 6.54
CA THR A 148 7.28 -15.04 7.03
C THR A 148 7.24 -15.03 8.55
N PHE A 149 8.33 -14.58 9.17
CA PHE A 149 8.45 -14.69 10.62
C PHE A 149 9.16 -13.45 11.14
N GLN A 150 8.91 -13.11 12.38
CA GLN A 150 9.74 -12.11 13.00
C GLN A 150 11.22 -12.47 12.84
N LYS A 151 12.04 -11.51 12.36
CA LYS A 151 13.47 -11.69 12.11
C LYS A 151 14.11 -12.69 13.05
N GLU A 152 13.85 -12.60 14.36
CA GLU A 152 14.44 -13.55 15.30
C GLU A 152 14.01 -14.97 14.97
N VAL A 153 12.70 -15.20 14.90
CA VAL A 153 12.17 -16.55 14.65
C VAL A 153 12.62 -17.06 13.28
N ALA A 154 12.58 -16.19 12.26
CA ALA A 154 13.15 -16.53 10.97
C ALA A 154 14.57 -17.06 11.13
N GLU A 155 15.35 -16.44 12.02
CA GLU A 155 16.76 -16.82 12.19
C GLU A 155 16.88 -18.22 12.78
N ARG A 156 16.16 -18.48 13.88
CA ARG A 156 16.27 -19.77 14.54
C ARG A 156 15.90 -20.91 13.61
N LEU A 157 14.85 -20.72 12.81
CA LEU A 157 14.43 -21.73 11.84
C LEU A 157 15.59 -22.17 10.97
N ALA A 158 16.43 -21.23 10.57
CA ALA A 158 17.53 -21.57 9.70
C ALA A 158 18.85 -21.64 10.44
N ALA A 159 18.85 -21.52 11.76
CA ALA A 159 20.11 -21.47 12.49
C ALA A 159 20.90 -22.76 12.26
N ASN A 160 22.22 -22.67 12.46
CA ASN A 160 23.11 -23.79 12.19
C ASN A 160 23.80 -24.28 13.47
N THR A 161 24.18 -25.56 13.46
CA THR A 161 24.90 -26.18 14.57
C THR A 161 25.98 -25.22 15.05
N GLY A 162 25.85 -24.72 16.28
CA GLY A 162 26.82 -23.80 16.84
C GLY A 162 26.42 -22.34 16.82
N SER A 163 25.49 -21.95 15.95
CA SER A 163 25.04 -20.56 15.87
C SER A 163 24.45 -20.10 17.20
N LYS A 164 24.39 -18.77 17.38
CA LYS A 164 23.83 -18.26 18.61
C LYS A 164 22.38 -18.67 18.76
N GLN A 165 21.60 -18.59 17.68
CA GLN A 165 20.16 -18.82 17.79
C GLN A 165 19.71 -20.21 17.34
N ARG A 166 20.60 -21.21 17.39
CA ARG A 166 20.20 -22.59 17.15
C ARG A 166 19.29 -23.04 18.29
N SER A 167 18.01 -23.12 17.99
CA SER A 167 16.99 -23.51 18.96
C SER A 167 16.21 -24.73 18.48
N ARG A 168 15.04 -24.96 19.09
CA ARG A 168 14.22 -26.11 18.74
C ARG A 168 13.78 -26.10 17.29
N LEU A 169 13.30 -24.96 16.81
CA LEU A 169 12.81 -24.99 15.44
C LEU A 169 13.93 -25.10 14.43
N SER A 170 15.17 -24.78 14.82
CA SER A 170 16.28 -25.20 14.00
C SER A 170 16.13 -26.68 13.68
N VAL A 171 16.09 -27.52 14.72
CA VAL A 171 16.11 -28.96 14.51
C VAL A 171 14.78 -29.44 13.94
N MET A 172 13.67 -28.93 14.44
CA MET A 172 12.38 -29.42 14.01
C MET A 172 12.09 -29.06 12.56
N ALA A 173 12.64 -27.96 12.08
CA ALA A 173 12.39 -27.61 10.69
C ALA A 173 13.43 -28.19 9.75
N GLN A 174 14.70 -28.24 10.17
CA GLN A 174 15.77 -28.63 9.27
C GLN A 174 15.82 -30.15 9.05
N TYR A 175 15.40 -30.94 10.03
CA TYR A 175 15.40 -32.38 9.83
C TYR A 175 14.36 -32.81 8.81
N LEU A 176 13.24 -32.10 8.72
CA LEU A 176 12.27 -32.37 7.66
C LEU A 176 12.51 -31.56 6.39
N CYS A 177 13.21 -30.43 6.47
CA CYS A 177 13.30 -29.57 5.31
C CYS A 177 14.71 -29.02 5.08
N ASN A 178 14.95 -28.63 3.84
CA ASN A 178 15.96 -27.63 3.55
C ASN A 178 15.36 -26.26 3.83
N VAL A 179 16.07 -25.46 4.62
CA VAL A 179 15.50 -24.25 5.19
C VAL A 179 16.46 -23.10 4.86
N ARG A 180 16.21 -22.40 3.75
CA ARG A 180 16.91 -21.16 3.45
C ARG A 180 16.15 -20.00 4.09
N HIS A 181 16.82 -19.20 4.92
CA HIS A 181 16.26 -17.89 5.34
C HIS A 181 16.90 -16.83 4.47
N ILE A 182 16.22 -16.46 3.39
CA ILE A 182 16.91 -15.81 2.29
C ILE A 182 17.03 -14.28 2.38
N PHE A 183 16.27 -13.61 3.27
CA PHE A 183 16.51 -12.22 3.64
C PHE A 183 15.51 -11.69 4.66
N THR A 184 15.95 -10.78 5.54
CA THR A 184 15.03 -10.07 6.42
C THR A 184 14.71 -8.72 5.78
N ILE A 185 13.60 -8.13 6.20
CA ILE A 185 13.17 -6.81 5.73
C ILE A 185 12.87 -5.94 6.95
N PRO A 186 13.18 -4.63 6.90
CA PRO A 186 13.04 -3.79 8.09
C PRO A 186 11.60 -3.45 8.40
N GLY A 187 11.27 -3.50 9.69
CA GLY A 187 9.92 -3.14 10.12
C GLY A 187 9.46 -1.81 9.57
N GLN A 188 10.43 -0.92 9.27
CA GLN A 188 10.16 0.39 8.70
C GLN A 188 9.48 0.29 7.32
N ALA A 189 9.44 -0.90 6.72
CA ALA A 189 8.85 -1.08 5.40
C ALA A 189 7.36 -1.42 5.44
N PHE A 190 6.73 -1.37 6.61
CA PHE A 190 5.40 -1.91 6.82
C PHE A 190 4.38 -0.83 7.20
N VAL A 191 3.17 -0.96 6.68
CA VAL A 191 2.09 -0.03 7.01
C VAL A 191 1.13 -0.66 8.00
N PRO A 192 1.19 -0.34 9.29
CA PRO A 192 2.17 0.44 10.04
C PRO A 192 3.39 -0.34 10.46
N LYS A 193 4.49 0.39 10.57
CA LYS A 193 5.77 -0.14 11.00
C LYS A 193 5.68 -0.67 12.43
N PRO A 194 5.88 -1.95 12.66
CA PRO A 194 6.01 -2.47 14.02
C PRO A 194 7.45 -2.28 14.49
N GLU A 195 7.63 -2.43 15.79
CA GLU A 195 8.97 -2.40 16.38
C GLU A 195 9.70 -3.74 16.24
N VAL A 196 9.48 -4.46 15.16
CA VAL A 196 10.19 -5.70 14.90
C VAL A 196 10.61 -5.73 13.44
N ASP A 197 11.73 -6.38 13.18
CA ASP A 197 12.07 -6.70 11.80
C ASP A 197 11.35 -7.98 11.37
N VAL A 198 11.25 -8.17 10.06
CA VAL A 198 10.49 -9.28 9.49
C VAL A 198 11.37 -10.09 8.54
N GLY A 199 11.38 -11.41 8.73
CA GLY A 199 12.28 -12.29 8.00
C GLY A 199 11.57 -13.26 7.05
N VAL A 200 12.26 -13.73 6.02
CA VAL A 200 11.62 -14.49 4.93
C VAL A 200 12.33 -15.83 4.73
N VAL A 201 11.60 -16.92 4.93
CA VAL A 201 12.16 -18.26 4.90
C VAL A 201 11.48 -19.06 3.79
N HIS A 202 12.28 -19.83 3.06
CA HIS A 202 11.77 -20.79 2.11
C HIS A 202 11.98 -22.20 2.63
N PHE A 203 11.01 -23.07 2.34
CA PHE A 203 11.08 -24.47 2.74
C PHE A 203 10.90 -25.35 1.51
N THR A 204 11.82 -26.29 1.30
CA THR A 204 11.54 -27.43 0.43
C THR A 204 11.58 -28.68 1.29
N PRO A 205 10.52 -29.47 1.30
CA PRO A 205 10.54 -30.74 2.04
C PRO A 205 11.67 -31.64 1.56
N LEU A 206 12.34 -32.29 2.52
CA LEU A 206 13.48 -33.13 2.19
C LEU A 206 13.01 -34.49 1.67
N ILE A 207 13.66 -35.00 0.62
CA ILE A 207 13.27 -36.30 0.08
C ILE A 207 13.47 -37.37 1.12
N GLN A 208 14.69 -37.50 1.61
CA GLN A 208 14.97 -38.34 2.76
C GLN A 208 15.09 -37.44 4.00
N PRO A 209 14.13 -37.47 4.92
CA PRO A 209 14.28 -36.73 6.17
C PRO A 209 15.52 -37.15 6.94
N LYS A 210 16.11 -36.20 7.65
CA LYS A 210 17.34 -36.49 8.38
C LYS A 210 17.07 -37.34 9.63
N ILE A 211 15.80 -37.60 9.98
CA ILE A 211 15.45 -38.49 11.08
C ILE A 211 14.17 -39.21 10.69
N GLU A 212 14.08 -40.51 11.00
CA GLU A 212 12.91 -41.31 10.62
C GLU A 212 12.30 -41.94 11.86
N GLN A 213 11.63 -41.11 12.64
CA GLN A 213 10.89 -41.48 13.83
C GLN A 213 9.64 -40.63 13.86
N PRO A 214 8.57 -41.10 14.50
CA PRO A 214 7.34 -40.31 14.57
C PRO A 214 7.63 -38.88 15.01
N PHE A 215 6.90 -37.94 14.41
CA PHE A 215 7.18 -36.53 14.66
C PHE A 215 7.05 -36.23 16.16
N LYS A 216 5.99 -36.73 16.79
CA LYS A 216 5.79 -36.43 18.19
C LYS A 216 6.90 -37.01 19.07
N LEU A 217 7.71 -37.94 18.55
CA LEU A 217 8.85 -38.44 19.33
C LEU A 217 9.98 -37.42 19.35
N VAL A 218 10.36 -36.90 18.18
CA VAL A 218 11.52 -36.03 18.13
C VAL A 218 11.11 -34.61 18.49
N GLU A 219 9.81 -34.32 18.42
CA GLU A 219 9.30 -33.14 19.12
C GLU A 219 9.67 -33.24 20.59
N LYS A 220 9.35 -34.39 21.22
CA LYS A 220 9.69 -34.56 22.63
C LYS A 220 11.21 -34.56 22.84
N VAL A 221 11.95 -35.23 21.97
CA VAL A 221 13.39 -35.37 22.23
C VAL A 221 14.08 -34.03 22.13
N VAL A 222 13.78 -33.27 21.07
CA VAL A 222 14.44 -31.99 20.84
C VAL A 222 14.11 -31.01 21.95
N GLN A 223 12.86 -31.04 22.42
CA GLN A 223 12.45 -30.20 23.55
C GLN A 223 13.35 -30.36 24.77
N ASN A 224 13.53 -31.60 25.23
CA ASN A 224 14.30 -31.86 26.43
C ASN A 224 15.77 -31.50 26.28
N VAL A 225 16.28 -31.45 25.05
CA VAL A 225 17.67 -31.05 24.84
C VAL A 225 17.85 -29.57 25.13
N PHE A 226 17.09 -28.73 24.42
CA PHE A 226 17.12 -27.28 24.42
C PHE A 226 16.45 -26.64 25.75
N GLN A 227 16.15 -27.56 26.67
CA GLN A 227 15.50 -27.22 27.93
C GLN A 227 16.34 -26.27 28.79
N PHE A 228 17.63 -26.58 28.94
CA PHE A 228 18.60 -25.75 29.63
C PHE A 228 19.64 -25.37 28.60
N ARG A 229 19.51 -24.19 27.99
CA ARG A 229 20.06 -24.06 26.66
C ARG A 229 21.57 -23.92 26.60
N ARG A 230 22.22 -23.50 27.71
CA ARG A 230 23.68 -23.35 27.72
C ARG A 230 24.40 -24.36 28.60
N LYS A 231 23.66 -25.21 29.33
CA LYS A 231 24.27 -26.30 30.08
C LYS A 231 24.69 -27.44 29.14
N TYR A 232 25.42 -28.40 29.70
CA TYR A 232 25.69 -29.65 29.00
C TYR A 232 24.38 -30.30 28.58
N CYS A 233 24.39 -30.95 27.41
CA CYS A 233 23.16 -31.53 26.88
C CYS A 233 22.59 -32.59 27.82
N HIS A 234 23.46 -33.36 28.49
CA HIS A 234 22.97 -34.41 29.36
C HIS A 234 22.10 -33.89 30.50
N ARG A 235 22.16 -32.61 30.83
CA ARG A 235 21.42 -32.18 32.01
C ARG A 235 19.95 -31.96 31.70
N GLY A 236 19.61 -31.75 30.43
CA GLY A 236 18.24 -31.59 30.06
C GLY A 236 17.70 -32.89 29.50
N LEU A 237 18.60 -33.61 28.84
CA LEU A 237 18.28 -34.93 28.28
C LEU A 237 17.72 -35.85 29.36
N ARG A 238 18.52 -36.10 30.40
CA ARG A 238 18.18 -36.93 31.55
C ARG A 238 16.73 -36.83 31.99
N MET A 239 16.05 -35.70 31.69
CA MET A 239 14.64 -35.56 32.05
C MET A 239 13.71 -36.37 31.15
N LEU A 240 14.26 -37.12 30.18
CA LEU A 240 13.44 -38.07 29.44
C LEU A 240 13.03 -39.29 30.27
N PHE A 241 13.61 -39.47 31.46
CA PHE A 241 13.62 -40.68 32.27
C PHE A 241 13.13 -40.44 33.69
N PRO A 242 12.24 -41.29 34.22
CA PRO A 242 11.79 -41.09 35.60
C PRO A 242 12.94 -41.23 36.57
N GLU A 243 12.82 -40.53 37.72
CA GLU A 243 13.90 -40.41 38.70
C GLU A 243 14.63 -41.73 38.92
N ALA A 244 13.86 -42.79 39.18
CA ALA A 244 14.44 -44.10 39.49
C ALA A 244 15.45 -44.55 38.44
N GLN A 245 15.01 -44.67 37.18
CA GLN A 245 15.86 -45.19 36.12
C GLN A 245 16.89 -44.18 35.61
N ARG A 246 16.82 -42.93 36.05
CA ARG A 246 17.36 -41.82 35.26
C ARG A 246 18.87 -41.94 35.02
N LEU A 247 19.63 -42.29 36.05
CA LEU A 247 21.08 -42.35 35.92
C LEU A 247 21.51 -43.39 34.90
N GLU A 248 21.25 -44.67 35.21
CA GLU A 248 21.60 -45.75 34.29
C GLU A 248 21.07 -45.46 32.89
N SER A 249 19.79 -45.09 32.78
CA SER A 249 19.16 -44.84 31.48
C SER A 249 19.93 -43.80 30.69
N THR A 250 20.19 -42.63 31.29
CA THR A 250 20.90 -41.58 30.58
C THR A 250 22.26 -42.06 30.10
N GLY A 251 22.92 -42.92 30.87
CA GLY A 251 24.17 -43.50 30.44
C GLY A 251 24.04 -44.28 29.14
N ARG A 252 23.24 -45.36 29.19
CA ARG A 252 23.01 -46.17 28.00
C ARG A 252 22.65 -45.30 26.80
N LEU A 253 21.81 -44.29 27.02
CA LEU A 253 21.38 -43.44 25.90
C LEU A 253 22.56 -42.74 25.26
N LEU A 254 23.33 -42.01 26.06
CA LEU A 254 24.47 -41.32 25.50
C LEU A 254 25.50 -42.32 25.00
N GLU A 255 25.57 -43.50 25.64
CA GLU A 255 26.52 -44.53 25.23
C GLU A 255 26.19 -45.04 23.83
N LEU A 256 25.03 -45.69 23.68
CA LEU A 256 24.61 -46.20 22.38
C LEU A 256 24.53 -45.11 21.33
N ALA A 257 24.04 -43.92 21.69
CA ALA A 257 23.92 -42.88 20.68
C ALA A 257 25.27 -42.31 20.28
N ASP A 258 26.30 -42.48 21.13
CA ASP A 258 27.66 -41.97 20.90
C ASP A 258 27.68 -40.44 20.91
N ILE A 259 27.36 -39.85 22.06
CA ILE A 259 27.27 -38.40 22.22
C ILE A 259 28.09 -38.00 23.44
N ASP A 260 29.05 -37.12 23.25
CA ASP A 260 29.77 -36.56 24.39
C ASP A 260 28.84 -35.69 25.22
N PRO A 261 28.54 -36.04 26.47
CA PRO A 261 27.58 -35.22 27.26
C PRO A 261 28.04 -33.80 27.51
N THR A 262 29.35 -33.51 27.39
CA THR A 262 29.81 -32.14 27.49
C THR A 262 29.33 -31.27 26.33
N LEU A 263 28.73 -31.88 25.34
CA LEU A 263 28.22 -31.14 24.23
C LEU A 263 27.05 -30.37 24.71
N ARG A 264 26.84 -29.23 24.09
CA ARG A 264 25.76 -28.39 24.46
C ARG A 264 24.71 -28.45 23.42
N PRO A 265 23.52 -28.18 23.82
CA PRO A 265 22.42 -28.25 22.84
C PRO A 265 22.70 -27.59 21.49
N ARG A 266 23.28 -26.40 21.50
CA ARG A 266 23.52 -25.69 20.25
C ARG A 266 24.61 -26.32 19.40
N GLN A 267 25.35 -27.27 19.95
CA GLN A 267 26.45 -27.93 19.23
C GLN A 267 26.05 -29.24 18.58
N LEU A 268 24.80 -29.69 18.72
CA LEU A 268 24.43 -31.01 18.23
C LEU A 268 24.11 -30.97 16.75
N SER A 269 24.81 -31.81 15.98
CA SER A 269 24.49 -32.07 14.59
C SER A 269 23.04 -32.52 14.46
N ILE A 270 22.40 -32.09 13.39
CA ILE A 270 21.08 -32.60 13.03
C ILE A 270 21.11 -34.12 12.98
N SER A 271 22.30 -34.71 12.84
CA SER A 271 22.43 -36.16 12.88
C SER A 271 22.73 -36.68 14.28
N HIS A 272 23.41 -35.90 15.11
CA HIS A 272 23.44 -36.24 16.54
C HIS A 272 22.03 -36.46 17.05
N PHE A 273 21.05 -35.72 16.51
CA PHE A 273 19.68 -35.94 16.93
C PHE A 273 19.14 -37.25 16.40
N LYS A 274 19.39 -37.53 15.11
CA LYS A 274 18.95 -38.83 14.55
C LYS A 274 19.49 -39.97 15.42
N SER A 275 20.80 -39.96 15.66
CA SER A 275 21.44 -40.84 16.63
C SER A 275 20.61 -41.03 17.91
N LEU A 276 20.31 -39.94 18.63
CA LEU A 276 19.68 -40.08 19.93
C LEU A 276 18.26 -40.61 19.85
N CYS A 277 17.52 -40.24 18.80
CA CYS A 277 16.11 -40.60 18.72
C CYS A 277 15.94 -42.06 18.39
N ASP A 278 16.77 -42.57 17.47
CA ASP A 278 16.81 -43.99 17.20
C ASP A 278 17.01 -44.79 18.47
N VAL A 279 17.99 -44.37 19.29
CA VAL A 279 18.23 -45.05 20.56
C VAL A 279 17.04 -44.88 21.51
N TYR A 280 16.49 -43.67 21.56
CA TYR A 280 15.34 -43.45 22.44
C TYR A 280 14.13 -44.25 21.96
N ARG A 281 13.92 -44.35 20.63
CA ARG A 281 12.84 -45.18 20.13
C ARG A 281 13.02 -46.63 20.56
N LYS A 282 14.23 -47.16 20.47
CA LYS A 282 14.49 -48.53 20.90
C LYS A 282 14.04 -48.72 22.34
N MET A 283 14.51 -47.85 23.25
CA MET A 283 14.19 -48.07 24.66
C MET A 283 12.78 -47.63 24.99
N CYS A 284 12.11 -46.93 24.07
CA CYS A 284 10.68 -46.74 24.18
C CYS A 284 9.91 -48.01 23.87
N ASP A 285 10.29 -48.69 22.78
CA ASP A 285 9.62 -49.95 22.44
C ASP A 285 10.00 -51.09 23.37
N GLU A 286 11.10 -50.96 24.11
CA GLU A 286 11.48 -51.94 25.12
C GLU A 286 10.83 -51.66 26.46
N ASP A 287 10.24 -50.47 26.63
CA ASP A 287 9.58 -50.06 27.87
C ASP A 287 8.34 -49.26 27.50
N PRO A 288 7.17 -49.92 27.43
CA PRO A 288 5.96 -49.24 26.91
C PRO A 288 5.56 -48.00 27.68
N GLN A 289 5.75 -47.99 29.00
CA GLN A 289 5.31 -46.93 29.88
C GLN A 289 6.29 -45.75 29.99
N LEU A 290 7.20 -45.60 29.01
CA LEU A 290 8.27 -44.62 29.08
C LEU A 290 8.01 -43.36 28.26
N PHE A 291 7.30 -43.48 27.14
CA PHE A 291 7.18 -42.33 26.27
C PHE A 291 6.19 -41.30 26.80
N ALA A 292 5.34 -41.66 27.76
CA ALA A 292 4.41 -40.69 28.35
C ALA A 292 4.95 -40.02 29.61
N TYR A 293 6.15 -40.40 30.07
CA TYR A 293 6.78 -39.74 31.22
C TYR A 293 7.13 -38.28 30.92
N ASN A 294 6.62 -37.37 31.73
CA ASN A 294 7.11 -36.00 31.76
C ASN A 294 7.28 -35.57 33.21
N PHE A 295 8.34 -34.80 33.48
CA PHE A 295 8.73 -34.51 34.85
C PHE A 295 7.62 -33.83 35.65
N ARG A 296 6.77 -33.05 34.98
CA ARG A 296 5.62 -32.40 35.61
C ARG A 296 4.61 -33.48 36.00
N GLU A 297 4.61 -33.85 37.27
CA GLU A 297 3.91 -35.05 37.72
C GLU A 297 3.63 -34.99 39.21
N SER C 7 -5.98 3.24 -15.95
CA SER C 7 -7.01 2.73 -15.05
C SER C 7 -6.83 3.32 -13.64
N GLN C 8 -6.74 2.45 -12.63
CA GLN C 8 -6.62 2.88 -11.23
C GLN C 8 -5.18 2.70 -10.74
N ASN C 9 -4.63 3.75 -10.16
CA ASN C 9 -3.25 3.79 -9.68
C ASN C 9 -3.27 4.32 -8.25
N PHE C 10 -2.80 3.51 -7.31
CA PHE C 10 -2.92 3.81 -5.89
C PHE C 10 -1.58 4.28 -5.30
N LEU C 11 -1.66 4.97 -4.17
CA LEU C 11 -0.49 5.41 -3.43
C LEU C 11 -0.52 4.76 -2.06
N LEU C 12 0.27 3.69 -1.90
CA LEU C 12 0.34 3.02 -0.63
C LEU C 12 1.63 3.28 0.11
N ASP C 13 2.57 4.02 -0.51
CA ASP C 13 3.83 4.33 0.15
C ASP C 13 3.57 5.29 1.29
N LEU C 14 4.13 4.97 2.46
CA LEU C 14 3.83 5.78 3.63
C LEU C 14 4.66 7.07 3.66
N ARG C 15 5.95 7.00 3.34
CA ARG C 15 6.76 8.22 3.25
C ARG C 15 6.10 9.25 2.34
N LEU C 16 5.81 8.86 1.10
CA LEU C 16 5.14 9.78 0.18
C LEU C 16 3.76 10.15 0.68
N THR C 17 2.93 9.17 1.04
CA THR C 17 1.62 9.52 1.56
C THR C 17 1.73 10.33 2.85
N ASP C 18 2.85 10.23 3.56
CA ASP C 18 3.05 11.11 4.69
C ASP C 18 3.46 12.51 4.24
N LYS C 19 4.46 12.59 3.35
CA LYS C 19 4.93 13.89 2.84
C LYS C 19 3.75 14.77 2.42
N ILE C 20 2.88 14.25 1.55
CA ILE C 20 1.71 14.94 1.03
C ILE C 20 0.84 15.49 2.16
N VAL C 21 1.11 15.11 3.40
CA VAL C 21 0.39 15.66 4.54
C VAL C 21 1.27 16.56 5.39
N ARG C 22 2.56 16.21 5.58
CA ARG C 22 3.45 17.13 6.29
C ARG C 22 3.64 18.42 5.51
N LYS C 23 3.20 18.48 4.25
CA LYS C 23 3.30 19.68 3.40
C LYS C 23 1.93 20.17 2.97
N ALA C 24 0.91 19.91 3.78
CA ALA C 24 -0.42 20.50 3.64
C ALA C 24 -0.78 21.41 4.79
N GLY C 25 0.11 21.56 5.76
CA GLY C 25 -0.16 22.31 6.97
C GLY C 25 0.27 21.55 8.20
N ASN C 26 -0.47 21.72 9.29
CA ASN C 26 -0.30 20.89 10.47
C ASN C 26 -1.55 20.11 10.83
N LEU C 27 -2.73 20.68 10.57
CA LEU C 27 -4.05 20.06 10.64
C LEU C 27 -4.49 19.69 12.06
N THR C 28 -3.78 20.14 13.10
CA THR C 28 -4.15 19.79 14.46
C THR C 28 -5.51 20.37 14.82
N ASN C 29 -6.39 19.51 15.35
CA ASN C 29 -7.78 19.85 15.68
C ASN C 29 -8.54 20.40 14.47
N ALA C 30 -8.16 19.97 13.27
CA ALA C 30 -8.69 20.52 12.02
C ALA C 30 -9.89 19.75 11.53
N TYR C 31 -10.49 20.25 10.45
CA TYR C 31 -11.68 19.65 9.84
C TYR C 31 -11.39 19.42 8.36
N VAL C 32 -10.80 18.25 8.06
CA VAL C 32 -10.28 17.97 6.73
C VAL C 32 -11.34 17.27 5.89
N TYR C 33 -11.40 17.67 4.63
CA TYR C 33 -12.23 17.05 3.62
C TYR C 33 -11.28 16.45 2.60
N GLU C 34 -11.22 15.11 2.56
CA GLU C 34 -10.41 14.41 1.59
C GLU C 34 -11.27 13.81 0.50
N VAL C 35 -10.79 13.91 -0.73
CA VAL C 35 -11.52 13.48 -1.91
C VAL C 35 -10.84 12.25 -2.53
N GLY C 36 -11.66 11.27 -2.92
CA GLY C 36 -11.13 10.03 -3.45
C GLY C 36 -10.12 9.40 -2.51
N PRO C 37 -10.59 8.89 -1.37
CA PRO C 37 -9.66 8.30 -0.40
C PRO C 37 -9.10 6.97 -0.87
N GLY C 38 -9.74 6.30 -1.81
CA GLY C 38 -9.28 5.03 -2.34
C GLY C 38 -9.08 3.93 -1.31
N PRO C 39 -7.97 3.21 -1.45
CA PRO C 39 -7.59 2.25 -0.41
C PRO C 39 -7.25 2.88 0.93
N GLY C 40 -6.98 4.18 0.99
CA GLY C 40 -6.79 4.87 2.25
C GLY C 40 -5.38 5.32 2.54
N GLY C 41 -4.45 5.16 1.59
CA GLY C 41 -3.06 5.53 1.85
C GLY C 41 -2.91 6.93 2.42
N ILE C 42 -3.61 7.90 1.82
CA ILE C 42 -3.56 9.27 2.32
C ILE C 42 -4.38 9.38 3.60
N THR C 43 -5.63 8.92 3.56
CA THR C 43 -6.53 8.94 4.72
C THR C 43 -5.80 8.51 5.98
N ARG C 44 -5.05 7.41 5.88
CA ARG C 44 -4.14 6.98 6.93
C ARG C 44 -3.33 8.16 7.46
N SER C 45 -2.55 8.81 6.58
CA SER C 45 -1.58 9.81 7.04
C SER C 45 -2.25 11.09 7.51
N ILE C 46 -3.35 11.51 6.87
CA ILE C 46 -4.02 12.75 7.31
C ILE C 46 -4.90 12.42 8.50
N LEU C 47 -4.70 11.23 9.09
CA LEU C 47 -5.42 10.80 10.27
C LEU C 47 -4.47 10.60 11.45
N ASN C 48 -3.44 9.77 11.29
CA ASN C 48 -2.45 9.68 12.36
C ASN C 48 -1.52 10.90 12.36
N ALA C 49 -1.87 11.94 11.61
CA ALA C 49 -1.42 13.30 11.88
C ALA C 49 -2.58 14.04 12.52
N ASP C 50 -2.37 14.52 13.73
CA ASP C 50 -3.42 14.94 14.67
C ASP C 50 -4.54 15.69 13.98
N VAL C 51 -5.78 15.27 14.25
CA VAL C 51 -6.95 15.81 13.54
C VAL C 51 -8.13 15.81 14.49
N ALA C 52 -9.06 16.74 14.29
CA ALA C 52 -10.30 16.72 15.05
C ALA C 52 -11.38 15.87 14.39
N GLU C 53 -11.55 16.03 13.08
CA GLU C 53 -12.53 15.27 12.31
C GLU C 53 -12.01 15.21 10.87
N LEU C 54 -12.39 14.14 10.17
CA LEU C 54 -11.99 13.99 8.77
C LEU C 54 -13.16 13.44 7.96
N LEU C 55 -13.53 14.16 6.91
CA LEU C 55 -14.61 13.77 6.02
C LEU C 55 -14.03 13.26 4.70
N VAL C 56 -14.61 12.19 4.16
CA VAL C 56 -14.21 11.64 2.88
C VAL C 56 -15.42 11.29 2.03
N VAL C 57 -15.31 11.55 0.72
CA VAL C 57 -16.34 11.22 -0.24
C VAL C 57 -15.71 10.33 -1.31
N GLU C 58 -16.30 9.15 -1.53
CA GLU C 58 -15.83 8.23 -2.55
C GLU C 58 -17.01 7.73 -3.38
N LYS C 59 -16.78 7.56 -4.69
CA LYS C 59 -17.82 7.12 -5.61
C LYS C 59 -17.96 5.61 -5.67
N ASP C 60 -16.90 4.85 -5.37
CA ASP C 60 -16.90 3.40 -5.54
C ASP C 60 -17.00 2.72 -4.18
N THR C 61 -18.19 2.18 -3.89
CA THR C 61 -18.48 1.62 -2.58
C THR C 61 -17.54 0.47 -2.20
N ARG C 62 -16.87 -0.15 -3.19
CA ARG C 62 -15.93 -1.24 -2.93
C ARG C 62 -14.78 -0.84 -2.00
N PHE C 63 -14.45 0.46 -1.90
CA PHE C 63 -13.43 0.90 -0.96
C PHE C 63 -13.98 1.18 0.42
N ILE C 64 -15.30 1.21 0.59
CA ILE C 64 -15.87 1.54 1.90
C ILE C 64 -15.38 0.61 2.99
N PRO C 65 -15.46 -0.73 2.85
CA PRO C 65 -15.14 -1.61 3.99
C PRO C 65 -13.71 -1.48 4.47
N GLY C 66 -12.75 -1.33 3.54
CA GLY C 66 -11.39 -1.01 3.95
C GLY C 66 -11.29 0.32 4.68
N LEU C 67 -11.99 1.35 4.21
CA LEU C 67 -11.93 2.61 4.93
C LEU C 67 -12.62 2.50 6.28
N GLN C 68 -13.66 1.66 6.36
CA GLN C 68 -14.32 1.41 7.64
C GLN C 68 -13.34 0.86 8.66
N MET C 69 -12.59 -0.18 8.29
CA MET C 69 -11.54 -0.70 9.17
C MET C 69 -10.59 0.40 9.64
N LEU C 70 -10.30 1.38 8.78
CA LEU C 70 -9.30 2.39 9.12
C LEU C 70 -9.82 3.34 10.20
N SER C 71 -11.12 3.64 10.20
CA SER C 71 -11.72 4.46 11.25
C SER C 71 -11.89 3.72 12.56
N ASP C 72 -11.96 2.40 12.51
CA ASP C 72 -11.99 1.64 13.75
C ASP C 72 -10.66 1.75 14.50
N ALA C 73 -9.59 1.97 13.76
CA ALA C 73 -8.32 2.16 14.40
C ALA C 73 -8.28 3.52 15.10
N ALA C 74 -9.31 4.33 14.89
CA ALA C 74 -9.43 5.65 15.46
C ALA C 74 -10.83 6.12 15.29
N PRO C 75 -11.65 5.99 16.32
CA PRO C 75 -13.05 6.42 16.23
C PRO C 75 -13.20 7.85 16.75
N GLY C 76 -14.40 8.38 16.52
CA GLY C 76 -14.66 9.78 16.80
C GLY C 76 -13.83 10.71 15.94
N LYS C 77 -13.40 10.22 14.78
CA LYS C 77 -12.54 11.00 13.93
C LYS C 77 -12.53 10.70 12.44
N LEU C 78 -13.62 10.24 11.89
CA LEU C 78 -13.69 10.04 10.43
C LEU C 78 -15.10 9.80 9.92
N ARG C 79 -15.56 10.63 8.99
CA ARG C 79 -16.87 10.46 8.36
C ARG C 79 -16.68 10.00 6.93
N ILE C 80 -17.54 9.09 6.51
CA ILE C 80 -17.43 8.41 5.21
C ILE C 80 -18.73 8.66 4.46
N VAL C 81 -18.63 9.23 3.25
CA VAL C 81 -19.81 9.49 2.43
C VAL C 81 -19.63 8.89 1.04
N HIS C 82 -20.62 8.09 0.62
CA HIS C 82 -20.67 7.52 -0.73
C HIS C 82 -21.33 8.53 -1.66
N GLY C 83 -20.52 9.24 -2.45
CA GLY C 83 -21.06 10.31 -3.27
C GLY C 83 -20.06 10.77 -4.30
N ASP C 84 -20.45 11.82 -5.02
CA ASP C 84 -19.71 12.33 -6.17
C ASP C 84 -19.10 13.67 -5.79
N VAL C 85 -17.78 13.80 -5.95
CA VAL C 85 -17.11 15.02 -5.51
C VAL C 85 -17.61 16.23 -6.29
N LEU C 86 -18.01 16.04 -7.53
CA LEU C 86 -18.78 17.04 -8.24
C LEU C 86 -20.24 16.87 -7.85
N THR C 87 -20.86 17.95 -7.39
CA THR C 87 -22.20 17.88 -6.81
C THR C 87 -22.22 16.98 -5.58
N PHE C 88 -21.21 17.14 -4.73
CA PHE C 88 -21.34 16.91 -3.30
C PHE C 88 -21.06 18.25 -2.66
N LYS C 89 -22.09 18.93 -2.19
CA LYS C 89 -21.94 20.28 -1.67
C LYS C 89 -21.43 20.18 -0.23
N VAL C 90 -20.11 20.11 -0.07
CA VAL C 90 -19.51 20.16 1.25
C VAL C 90 -19.54 21.60 1.74
N GLU C 91 -20.69 22.28 1.51
CA GLU C 91 -20.82 23.71 1.73
C GLU C 91 -21.86 24.10 2.79
N LYS C 92 -21.81 23.57 4.01
CA LYS C 92 -20.80 22.64 4.48
C LYS C 92 -21.41 21.48 5.28
N ALA C 93 -20.58 20.50 5.60
CA ALA C 93 -20.86 19.57 6.66
C ALA C 93 -19.92 19.86 7.84
N PHE C 94 -19.77 21.13 8.19
CA PHE C 94 -18.87 21.54 9.25
C PHE C 94 -19.45 22.70 10.04
N SER C 95 -19.17 22.71 11.34
CA SER C 95 -19.73 23.71 12.24
C SER C 95 -19.30 25.10 11.81
N GLU C 96 -20.28 26.02 11.76
CA GLU C 96 -20.06 27.41 11.38
C GLU C 96 -19.04 28.08 12.29
N SER C 97 -18.74 27.49 13.44
CA SER C 97 -17.61 27.93 14.23
C SER C 97 -16.33 28.02 13.41
N LEU C 98 -16.11 27.04 12.52
CA LEU C 98 -14.81 26.91 11.85
C LEU C 98 -14.53 28.01 10.84
N LYS C 99 -15.50 28.87 10.50
CA LYS C 99 -15.30 29.91 9.49
C LYS C 99 -14.35 31.02 9.98
N ARG C 100 -13.83 31.76 9.01
CA ARG C 100 -12.94 32.90 9.23
C ARG C 100 -13.06 33.83 8.02
N PRO C 101 -13.73 35.00 8.18
CA PRO C 101 -14.00 35.89 7.03
C PRO C 101 -12.85 36.11 6.06
N TRP C 102 -13.22 36.47 4.82
CA TRP C 102 -12.34 36.30 3.68
C TRP C 102 -11.04 37.09 3.82
N GLU C 103 -11.08 38.24 4.50
CA GLU C 103 -9.87 39.05 4.72
C GLU C 103 -8.94 38.41 5.73
N ASP C 104 -9.44 37.48 6.55
CA ASP C 104 -8.67 36.92 7.65
C ASP C 104 -7.77 35.81 7.15
N ASP C 105 -7.32 35.00 8.06
CA ASP C 105 -6.48 33.85 7.78
C ASP C 105 -7.34 32.60 7.55
N PRO C 106 -6.82 31.64 6.77
CA PRO C 106 -7.64 30.52 6.29
C PRO C 106 -8.19 29.69 7.43
N PRO C 107 -9.44 29.24 7.33
CA PRO C 107 -10.09 28.51 8.43
C PRO C 107 -9.36 27.22 8.81
N ASN C 108 -9.84 26.60 9.89
CA ASN C 108 -9.33 25.29 10.29
C ASN C 108 -9.66 24.21 9.26
N VAL C 109 -10.54 24.50 8.31
CA VAL C 109 -10.88 23.55 7.26
C VAL C 109 -9.69 23.33 6.33
N HIS C 110 -9.65 22.16 5.69
CA HIS C 110 -8.64 21.89 4.69
C HIS C 110 -9.17 20.91 3.65
N ILE C 111 -8.51 20.88 2.50
CA ILE C 111 -8.86 19.95 1.42
C ILE C 111 -7.59 19.27 0.92
N ILE C 112 -7.62 17.95 0.85
CA ILE C 112 -6.53 17.13 0.35
C ILE C 112 -7.11 16.04 -0.55
N GLY C 113 -6.53 15.85 -1.73
CA GLY C 113 -7.04 14.83 -2.61
C GLY C 113 -6.05 14.19 -3.55
N ASN C 114 -6.17 12.88 -3.77
CA ASN C 114 -5.52 12.17 -4.87
C ASN C 114 -6.61 11.63 -5.78
N LEU C 115 -7.10 12.44 -6.65
CA LEU C 115 -8.13 11.94 -7.52
C LEU C 115 -7.52 11.52 -8.85
N PRO C 116 -8.27 10.83 -9.70
CA PRO C 116 -7.83 10.67 -11.09
C PRO C 116 -7.71 12.02 -11.79
N PHE C 117 -6.72 12.13 -12.66
CA PHE C 117 -6.56 13.37 -13.41
C PHE C 117 -7.75 13.63 -14.31
N SER C 118 -8.43 12.57 -14.75
CA SER C 118 -9.74 12.72 -15.40
C SER C 118 -10.67 13.63 -14.62
N VAL C 119 -10.63 13.56 -13.30
CA VAL C 119 -11.65 14.18 -12.48
C VAL C 119 -11.13 15.34 -11.64
N SER C 120 -9.83 15.47 -11.44
CA SER C 120 -9.32 16.57 -10.62
C SER C 120 -9.34 17.90 -11.36
N THR C 121 -8.93 17.90 -12.63
CA THR C 121 -8.76 19.19 -13.28
C THR C 121 -10.11 19.81 -13.63
N PRO C 122 -11.13 19.07 -14.11
CA PRO C 122 -12.46 19.69 -14.10
C PRO C 122 -12.86 20.14 -12.70
N LEU C 123 -12.54 19.36 -11.67
CA LEU C 123 -12.92 19.72 -10.32
C LEU C 123 -12.30 21.04 -9.90
N ILE C 124 -11.05 21.32 -10.29
CA ILE C 124 -10.47 22.56 -9.82
C ILE C 124 -11.05 23.77 -10.54
N ILE C 125 -11.45 23.63 -11.82
CA ILE C 125 -12.14 24.72 -12.52
C ILE C 125 -13.48 25.02 -11.85
N LYS C 126 -14.16 23.98 -11.36
CA LYS C 126 -15.31 24.20 -10.48
C LYS C 126 -14.90 25.04 -9.29
N TRP C 127 -13.81 24.65 -8.63
CA TRP C 127 -13.53 25.23 -7.33
C TRP C 127 -12.95 26.63 -7.43
N LEU C 128 -12.24 26.93 -8.52
CA LEU C 128 -11.77 28.29 -8.72
C LEU C 128 -12.94 29.25 -8.83
N GLU C 129 -13.97 28.88 -9.59
CA GLU C 129 -15.22 29.64 -9.65
C GLU C 129 -15.86 29.80 -8.28
N ASN C 130 -15.48 28.98 -7.30
CA ASN C 130 -15.97 29.25 -5.96
C ASN C 130 -15.10 30.28 -5.22
N ILE C 131 -13.78 30.24 -5.37
CA ILE C 131 -12.93 31.25 -4.76
C ILE C 131 -13.28 32.63 -5.33
N SER C 132 -13.66 32.67 -6.61
CA SER C 132 -14.07 33.93 -7.24
C SER C 132 -15.34 34.47 -6.60
N CYS C 133 -16.21 33.57 -6.13
CA CYS C 133 -17.46 33.95 -5.49
C CYS C 133 -17.44 33.78 -3.97
N ARG C 134 -16.29 33.48 -3.37
CA ARG C 134 -16.21 33.10 -1.96
C ARG C 134 -17.32 32.10 -1.61
N ASP C 135 -17.47 31.11 -2.50
CA ASP C 135 -18.65 30.26 -2.67
C ASP C 135 -18.33 28.82 -2.25
N GLY C 136 -19.38 27.99 -2.22
CA GLY C 136 -19.26 26.57 -1.99
C GLY C 136 -18.34 26.16 -0.86
N PRO C 137 -17.19 25.58 -1.20
CA PRO C 137 -16.20 25.18 -0.18
C PRO C 137 -15.54 26.35 0.53
N PHE C 138 -15.72 27.57 0.04
CA PHE C 138 -15.01 28.71 0.58
C PHE C 138 -15.95 29.64 1.35
N VAL C 139 -17.14 29.14 1.67
CA VAL C 139 -17.96 29.73 2.73
C VAL C 139 -17.34 29.51 4.10
N TYR C 140 -16.50 28.50 4.24
CA TYR C 140 -15.66 28.38 5.44
C TYR C 140 -14.61 29.48 5.50
N GLY C 141 -14.48 30.28 4.45
CA GLY C 141 -13.40 31.23 4.31
C GLY C 141 -12.54 30.87 3.12
N ARG C 142 -11.37 31.51 3.05
CA ARG C 142 -10.41 31.12 2.00
C ARG C 142 -9.70 29.86 2.50
N THR C 143 -10.47 28.76 2.47
CA THR C 143 -9.97 27.43 2.85
C THR C 143 -8.94 26.97 1.84
N GLN C 144 -7.91 26.27 2.29
CA GLN C 144 -6.82 25.90 1.39
C GLN C 144 -6.96 24.44 0.91
N MET C 145 -6.24 24.13 -0.17
CA MET C 145 -6.39 22.89 -0.92
C MET C 145 -5.01 22.30 -1.22
N THR C 146 -4.87 20.99 -1.08
CA THR C 146 -3.62 20.30 -1.43
C THR C 146 -3.95 19.17 -2.38
N LEU C 147 -3.68 19.36 -3.68
CA LEU C 147 -4.10 18.41 -4.69
C LEU C 147 -2.92 17.91 -5.52
N THR C 148 -3.20 16.86 -6.29
CA THR C 148 -2.22 16.20 -7.12
C THR C 148 -2.73 16.17 -8.56
N PHE C 149 -1.83 16.39 -9.51
CA PHE C 149 -2.15 16.28 -10.92
C PHE C 149 -0.98 15.66 -11.63
N GLN C 150 -1.16 15.38 -12.92
CA GLN C 150 -0.04 14.94 -13.73
C GLN C 150 1.07 15.98 -13.65
N LYS C 151 2.31 15.50 -13.61
CA LYS C 151 3.44 16.40 -13.40
C LYS C 151 3.37 17.56 -14.38
N GLU C 152 3.23 17.26 -15.67
CA GLU C 152 3.11 18.30 -16.70
C GLU C 152 2.04 19.33 -16.35
N VAL C 153 0.87 18.85 -15.90
CA VAL C 153 -0.23 19.76 -15.52
C VAL C 153 0.12 20.50 -14.24
N ALA C 154 0.79 19.83 -13.32
CA ALA C 154 1.22 20.50 -12.10
C ALA C 154 2.23 21.60 -12.42
N GLU C 155 3.08 21.37 -13.42
CA GLU C 155 4.01 22.40 -13.86
C GLU C 155 3.26 23.59 -14.44
N ARG C 156 2.13 23.34 -15.10
CA ARG C 156 1.44 24.41 -15.81
C ARG C 156 0.64 25.30 -14.88
N LEU C 157 0.08 24.76 -13.80
CA LEU C 157 -0.67 25.60 -12.88
C LEU C 157 0.21 26.59 -12.13
N ALA C 158 1.51 26.30 -12.02
CA ALA C 158 2.42 27.18 -11.32
C ALA C 158 3.43 27.83 -12.24
N ALA C 159 3.33 27.59 -13.55
CA ALA C 159 4.29 28.15 -14.49
C ALA C 159 4.36 29.67 -14.34
N ASN C 160 5.54 30.20 -14.57
CA ASN C 160 5.73 31.63 -14.54
C ASN C 160 5.71 32.17 -15.95
N THR C 161 5.80 33.50 -16.06
CA THR C 161 5.71 34.16 -17.36
C THR C 161 6.81 33.69 -18.29
N GLY C 162 6.54 33.78 -19.58
CA GLY C 162 7.54 33.41 -20.56
C GLY C 162 8.04 31.98 -20.53
N SER C 163 7.45 31.15 -19.65
CA SER C 163 7.85 29.75 -19.55
C SER C 163 7.06 28.87 -20.50
N LYS C 164 7.69 27.79 -20.95
CA LYS C 164 7.07 26.92 -21.94
C LYS C 164 5.73 26.37 -21.44
N GLN C 165 5.46 26.51 -20.13
CA GLN C 165 4.29 25.91 -19.53
C GLN C 165 3.20 26.91 -19.17
N ARG C 166 3.40 28.21 -19.40
CA ARG C 166 2.34 29.17 -19.09
C ARG C 166 1.19 28.89 -20.04
N SER C 167 0.10 28.38 -19.49
CA SER C 167 -1.08 27.97 -20.23
C SER C 167 -2.28 28.64 -19.59
N ARG C 168 -3.47 28.33 -20.10
CA ARG C 168 -4.69 28.88 -19.51
C ARG C 168 -4.73 28.65 -18.01
N LEU C 169 -4.39 27.43 -17.58
CA LEU C 169 -4.46 27.10 -16.16
C LEU C 169 -3.51 27.95 -15.34
N SER C 170 -2.31 28.20 -15.85
CA SER C 170 -1.37 29.09 -15.18
C SER C 170 -2.08 30.36 -14.73
N VAL C 171 -2.75 31.04 -15.66
CA VAL C 171 -3.39 32.30 -15.30
C VAL C 171 -4.54 32.04 -14.35
N MET C 172 -5.43 31.13 -14.73
CA MET C 172 -6.68 31.02 -13.97
C MET C 172 -6.48 30.44 -12.59
N ALA C 173 -5.36 29.76 -12.38
CA ALA C 173 -4.92 29.44 -11.04
C ALA C 173 -4.38 30.68 -10.33
N GLN C 174 -3.25 31.22 -10.81
CA GLN C 174 -2.50 32.23 -10.09
C GLN C 174 -3.19 33.58 -10.02
N TYR C 175 -4.38 33.75 -10.59
CA TYR C 175 -5.08 35.01 -10.39
C TYR C 175 -6.03 34.97 -9.20
N LEU C 176 -6.27 33.79 -8.63
CA LEU C 176 -7.03 33.71 -7.40
C LEU C 176 -6.29 33.05 -6.24
N CYS C 177 -5.08 32.53 -6.46
CA CYS C 177 -4.38 31.72 -5.47
C CYS C 177 -2.88 31.97 -5.51
N ASN C 178 -2.25 31.95 -4.34
CA ASN C 178 -0.83 31.62 -4.30
C ASN C 178 -0.69 30.12 -4.54
N VAL C 179 0.20 29.74 -5.46
CA VAL C 179 0.20 28.41 -6.04
C VAL C 179 1.63 27.87 -6.07
N ARG C 180 1.88 26.81 -5.31
CA ARG C 180 3.21 26.19 -5.25
C ARG C 180 3.11 24.75 -5.70
N HIS C 181 4.02 24.35 -6.58
CA HIS C 181 4.17 22.96 -7.01
C HIS C 181 5.36 22.37 -6.25
N ILE C 182 5.06 21.59 -5.20
CA ILE C 182 6.05 21.32 -4.16
C ILE C 182 7.07 20.27 -4.61
N PHE C 183 6.61 19.13 -5.12
CA PHE C 183 7.53 18.13 -5.66
C PHE C 183 6.78 17.26 -6.67
N THR C 184 7.53 16.44 -7.38
CA THR C 184 6.89 15.40 -8.15
C THR C 184 7.17 14.05 -7.50
N ILE C 185 6.34 13.06 -7.83
CA ILE C 185 6.58 11.67 -7.46
C ILE C 185 6.57 10.87 -8.75
N PRO C 186 7.60 10.07 -9.00
CA PRO C 186 7.66 9.36 -10.29
C PRO C 186 6.60 8.27 -10.35
N GLY C 187 6.35 7.79 -11.56
CA GLY C 187 5.42 6.69 -11.70
C GLY C 187 5.82 5.54 -10.80
N GLN C 188 7.12 5.25 -10.74
CA GLN C 188 7.64 4.10 -10.00
C GLN C 188 7.03 3.97 -8.61
N ALA C 189 6.60 5.07 -8.00
CA ALA C 189 6.15 5.05 -6.62
C ALA C 189 4.68 4.65 -6.47
N PHE C 190 3.98 4.34 -7.57
CA PHE C 190 2.57 4.04 -7.52
C PHE C 190 2.32 2.55 -7.77
N VAL C 191 1.08 2.12 -7.53
CA VAL C 191 0.68 0.72 -7.69
C VAL C 191 -0.61 0.59 -8.49
N PRO C 192 -0.56 0.17 -9.76
CA PRO C 192 0.67 -0.07 -10.52
C PRO C 192 1.32 1.25 -10.91
N LYS C 193 2.52 1.18 -11.48
CA LYS C 193 3.25 2.40 -11.87
C LYS C 193 2.70 2.93 -13.19
N PRO C 194 2.20 4.16 -13.24
CA PRO C 194 1.82 4.77 -14.53
C PRO C 194 3.04 5.28 -15.29
N GLU C 195 2.84 5.44 -16.62
CA GLU C 195 3.87 5.90 -17.55
C GLU C 195 4.08 7.41 -17.47
N VAL C 196 3.90 7.95 -16.27
CA VAL C 196 3.63 9.37 -16.04
C VAL C 196 4.14 9.68 -14.65
N ASP C 197 4.60 10.90 -14.46
CA ASP C 197 4.97 11.35 -13.13
C ASP C 197 3.89 12.26 -12.59
N VAL C 198 3.82 12.34 -11.27
CA VAL C 198 2.71 12.98 -10.59
C VAL C 198 3.27 14.08 -9.71
N GLY C 199 2.88 15.34 -9.99
CA GLY C 199 3.24 16.43 -9.13
C GLY C 199 2.16 16.72 -8.13
N VAL C 200 2.56 17.40 -7.07
CA VAL C 200 1.68 17.75 -5.96
C VAL C 200 1.82 19.25 -5.72
N VAL C 201 0.69 19.95 -5.72
CA VAL C 201 0.70 21.41 -5.62
C VAL C 201 -0.31 21.85 -4.56
N HIS C 202 0.00 22.97 -3.90
CA HIS C 202 -0.81 23.52 -2.82
C HIS C 202 -1.36 24.88 -3.23
N PHE C 203 -2.50 25.23 -2.62
CA PHE C 203 -3.30 26.40 -2.96
C PHE C 203 -3.70 27.14 -1.69
N THR C 204 -3.18 28.37 -1.50
CA THR C 204 -3.77 29.29 -0.53
C THR C 204 -4.59 30.32 -1.30
N PRO C 205 -5.93 30.32 -1.19
CA PRO C 205 -6.74 31.29 -1.96
C PRO C 205 -6.38 32.72 -1.61
N LEU C 206 -5.91 33.47 -2.61
CA LEU C 206 -5.71 34.92 -2.49
C LEU C 206 -7.05 35.62 -2.35
N ILE C 207 -7.34 36.13 -1.16
CA ILE C 207 -8.47 37.03 -0.92
C ILE C 207 -7.85 38.09 -0.01
N GLN C 208 -7.54 39.27 -0.56
CA GLN C 208 -8.05 39.88 -1.81
C GLN C 208 -7.41 39.40 -3.12
N PRO C 209 -8.26 39.19 -4.18
CA PRO C 209 -7.79 38.53 -5.41
C PRO C 209 -6.84 39.34 -6.27
N LYS C 210 -6.83 39.06 -7.56
CA LYS C 210 -5.94 39.71 -8.50
C LYS C 210 -6.64 40.23 -9.76
N ILE C 211 -7.95 40.06 -9.88
CA ILE C 211 -8.73 40.59 -11.00
C ILE C 211 -10.16 40.81 -10.52
N GLU C 212 -10.72 41.97 -10.84
CA GLU C 212 -12.03 42.32 -10.29
C GLU C 212 -13.17 41.71 -11.08
N GLN C 213 -13.07 41.70 -12.42
CA GLN C 213 -14.19 41.32 -13.28
C GLN C 213 -14.67 39.90 -12.95
N PRO C 214 -15.88 39.51 -13.42
CA PRO C 214 -16.42 38.18 -13.09
C PRO C 214 -15.56 37.01 -13.58
N PHE C 215 -15.80 35.85 -12.99
CA PHE C 215 -14.99 34.68 -13.32
C PHE C 215 -15.22 34.22 -14.75
N LYS C 216 -16.47 33.94 -15.12
CA LYS C 216 -16.71 33.38 -16.44
C LYS C 216 -16.23 34.32 -17.55
N LEU C 217 -15.98 35.59 -17.22
CA LEU C 217 -15.41 36.52 -18.19
C LEU C 217 -13.91 36.29 -18.36
N VAL C 218 -13.17 36.26 -17.24
CA VAL C 218 -11.74 35.97 -17.31
C VAL C 218 -11.50 34.65 -18.00
N GLU C 219 -12.43 33.70 -17.82
CA GLU C 219 -12.40 32.45 -18.57
C GLU C 219 -12.33 32.71 -20.08
N LYS C 220 -13.22 33.55 -20.59
CA LYS C 220 -13.27 33.76 -22.04
C LYS C 220 -12.04 34.50 -22.54
N VAL C 221 -11.49 35.42 -21.74
CA VAL C 221 -10.35 36.19 -22.22
C VAL C 221 -9.11 35.31 -22.29
N VAL C 222 -8.83 34.57 -21.20
CA VAL C 222 -7.67 33.69 -21.19
C VAL C 222 -7.81 32.62 -22.27
N GLN C 223 -9.01 32.06 -22.41
CA GLN C 223 -9.29 31.12 -23.49
C GLN C 223 -8.83 31.69 -24.82
N ASN C 224 -9.20 32.94 -25.11
CA ASN C 224 -8.95 33.48 -26.44
C ASN C 224 -7.53 33.97 -26.61
N VAL C 225 -6.86 34.38 -25.53
CA VAL C 225 -5.45 34.76 -25.66
C VAL C 225 -4.62 33.56 -26.07
N PHE C 226 -4.91 32.37 -25.52
CA PHE C 226 -4.04 31.21 -25.59
C PHE C 226 -4.39 30.25 -26.73
N GLN C 227 -5.28 30.62 -27.64
CA GLN C 227 -5.63 29.72 -28.75
C GLN C 227 -4.42 29.43 -29.63
N PHE C 228 -3.73 30.46 -30.10
CA PHE C 228 -2.62 30.32 -31.02
C PHE C 228 -1.37 30.80 -30.31
N ARG C 229 -0.49 29.85 -29.99
CA ARG C 229 0.37 30.00 -28.82
C ARG C 229 1.81 30.37 -29.14
N ARG C 230 2.28 30.04 -30.34
CA ARG C 230 3.52 30.59 -30.85
C ARG C 230 3.29 31.82 -31.73
N LYS C 231 2.04 32.11 -32.08
CA LYS C 231 1.65 33.28 -32.85
C LYS C 231 1.41 34.43 -31.88
N TYR C 232 1.55 35.67 -32.40
CA TYR C 232 1.32 36.88 -31.62
C TYR C 232 0.00 36.81 -30.87
N CYS C 233 -0.13 37.59 -29.80
CA CYS C 233 -1.31 37.44 -28.96
C CYS C 233 -2.50 38.23 -29.43
N HIS C 234 -2.33 39.17 -30.35
CA HIS C 234 -3.52 39.81 -30.90
C HIS C 234 -4.25 38.88 -31.87
N ARG C 235 -3.55 37.91 -32.45
CA ARG C 235 -4.15 37.06 -33.47
C ARG C 235 -5.35 36.31 -32.90
N GLY C 236 -5.26 35.88 -31.64
CA GLY C 236 -6.35 35.21 -30.98
C GLY C 236 -7.26 36.11 -30.16
N LEU C 237 -6.71 37.19 -29.62
CA LEU C 237 -7.56 38.22 -29.05
C LEU C 237 -8.62 38.69 -30.05
N ARG C 238 -8.25 38.71 -31.34
CA ARG C 238 -9.14 39.09 -32.43
C ARG C 238 -10.51 38.43 -32.29
N MET C 239 -10.52 37.13 -31.98
CA MET C 239 -11.73 36.33 -32.00
C MET C 239 -12.72 36.70 -30.90
N LEU C 240 -12.46 37.72 -30.09
CA LEU C 240 -13.44 38.15 -29.11
C LEU C 240 -14.62 38.88 -29.74
N PHE C 241 -14.36 39.66 -30.80
CA PHE C 241 -15.30 40.45 -31.59
C PHE C 241 -15.63 39.76 -32.91
N PRO C 242 -16.81 39.99 -33.47
CA PRO C 242 -17.14 39.39 -34.77
C PRO C 242 -16.38 40.06 -35.91
N GLU C 243 -16.35 39.36 -37.05
CA GLU C 243 -15.39 39.65 -38.12
C GLU C 243 -15.33 41.13 -38.47
N ALA C 244 -16.49 41.75 -38.69
CA ALA C 244 -16.50 43.13 -39.18
C ALA C 244 -15.82 44.09 -38.21
N GLN C 245 -15.64 43.69 -36.95
CA GLN C 245 -15.06 44.54 -35.93
C GLN C 245 -13.57 44.30 -35.69
N ARG C 246 -13.02 43.17 -36.16
CA ARG C 246 -11.64 42.85 -35.85
C ARG C 246 -10.69 43.83 -36.51
N LEU C 247 -11.06 44.38 -37.65
CA LEU C 247 -10.28 45.45 -38.24
C LEU C 247 -9.89 46.47 -37.18
N GLU C 248 -10.85 46.88 -36.36
CA GLU C 248 -10.62 48.00 -35.44
C GLU C 248 -10.85 47.67 -33.97
N SER C 249 -11.90 46.94 -33.63
CA SER C 249 -12.30 46.82 -32.23
C SER C 249 -11.22 46.15 -31.36
N THR C 250 -10.37 45.30 -31.96
CA THR C 250 -9.33 44.59 -31.22
C THR C 250 -8.17 45.51 -30.87
N GLY C 251 -7.86 46.46 -31.75
CA GLY C 251 -6.78 47.40 -31.46
C GLY C 251 -7.10 48.39 -30.37
N ARG C 252 -8.37 48.77 -30.21
CA ARG C 252 -8.72 49.67 -29.12
C ARG C 252 -8.42 49.02 -27.78
N LEU C 253 -8.73 47.73 -27.66
CA LEU C 253 -8.42 46.94 -26.46
C LEU C 253 -6.94 47.02 -26.09
N LEU C 254 -6.07 46.72 -27.06
CA LEU C 254 -4.63 46.71 -26.79
C LEU C 254 -4.09 48.07 -26.39
N GLU C 255 -4.62 49.16 -26.96
CA GLU C 255 -4.16 50.49 -26.62
C GLU C 255 -4.82 50.99 -25.33
N LEU C 256 -6.12 50.74 -25.16
CA LEU C 256 -6.83 51.05 -23.93
C LEU C 256 -6.29 50.27 -22.74
N ALA C 257 -5.37 49.35 -22.97
CA ALA C 257 -4.76 48.57 -21.90
C ALA C 257 -3.24 48.61 -21.99
N ASP C 258 -2.73 49.46 -22.82
CA ASP C 258 -1.31 49.58 -22.96
C ASP C 258 -0.58 48.27 -22.96
N ILE C 259 -0.98 47.36 -23.82
CA ILE C 259 -0.28 46.09 -23.98
C ILE C 259 0.38 46.07 -25.33
N ASP C 260 1.67 45.80 -25.36
CA ASP C 260 2.36 45.54 -26.61
C ASP C 260 1.66 44.44 -27.38
N PRO C 261 1.24 44.70 -28.63
CA PRO C 261 0.54 43.65 -29.41
C PRO C 261 1.44 42.52 -29.89
N THR C 262 2.78 42.69 -29.83
CA THR C 262 3.70 41.64 -30.24
C THR C 262 3.99 40.62 -29.14
N LEU C 263 3.50 40.85 -27.92
CA LEU C 263 3.64 39.88 -26.85
C LEU C 263 2.98 38.57 -27.25
N ARG C 264 3.65 37.47 -26.98
CA ARG C 264 3.02 36.18 -27.18
C ARG C 264 2.26 35.79 -25.93
N PRO C 265 1.22 34.97 -26.03
CA PRO C 265 0.42 34.61 -24.83
C PRO C 265 1.24 34.15 -23.64
N ARG C 266 2.26 33.36 -23.92
CA ARG C 266 3.23 32.91 -22.92
C ARG C 266 3.86 34.07 -22.16
N GLN C 267 4.21 35.16 -22.87
CA GLN C 267 4.93 36.30 -22.31
C GLN C 267 4.06 37.27 -21.52
N LEU C 268 2.74 37.13 -21.53
CA LEU C 268 1.86 38.05 -20.83
C LEU C 268 1.78 37.66 -19.37
N SER C 269 1.85 38.67 -18.53
CA SER C 269 1.84 38.45 -17.09
C SER C 269 0.42 38.49 -16.57
N ILE C 270 0.29 37.98 -15.35
CA ILE C 270 -0.98 38.02 -14.63
C ILE C 270 -1.57 39.42 -14.65
N SER C 271 -0.73 40.44 -14.62
CA SER C 271 -1.20 41.81 -14.52
C SER C 271 -1.56 42.42 -15.87
N HIS C 272 -1.09 41.85 -16.98
CA HIS C 272 -1.63 42.29 -18.27
C HIS C 272 -3.07 41.81 -18.41
N PHE C 273 -3.32 40.53 -18.10
CA PHE C 273 -4.68 40.00 -18.08
C PHE C 273 -5.59 40.82 -17.17
N LYS C 274 -5.07 41.26 -16.01
CA LYS C 274 -5.70 42.32 -15.24
C LYS C 274 -6.25 43.39 -16.19
N SER C 275 -5.37 44.05 -16.94
CA SER C 275 -5.76 45.19 -17.77
C SER C 275 -6.76 44.77 -18.85
N LEU C 276 -6.38 43.79 -19.68
CA LEU C 276 -7.27 43.30 -20.73
C LEU C 276 -8.65 42.96 -20.20
N CYS C 277 -8.72 42.28 -19.05
CA CYS C 277 -10.02 41.89 -18.52
C CYS C 277 -10.83 43.10 -18.09
N ASP C 278 -10.19 44.06 -17.44
CA ASP C 278 -10.94 45.24 -17.01
C ASP C 278 -11.48 46.04 -18.20
N VAL C 279 -10.78 46.02 -19.34
CA VAL C 279 -11.14 46.88 -20.47
C VAL C 279 -12.36 46.31 -21.22
N TYR C 280 -12.28 45.05 -21.64
CA TYR C 280 -13.41 44.40 -22.32
C TYR C 280 -14.58 44.14 -21.37
N ARG C 281 -14.34 44.21 -20.07
CA ARG C 281 -15.45 44.38 -19.14
C ARG C 281 -16.25 45.62 -19.53
N LYS C 282 -15.56 46.76 -19.73
CA LYS C 282 -16.22 48.00 -20.13
C LYS C 282 -16.84 47.91 -21.52
N MET C 283 -16.32 47.04 -22.38
CA MET C 283 -16.82 46.95 -23.74
C MET C 283 -18.15 46.21 -23.81
N CYS C 284 -18.40 45.23 -22.93
CA CYS C 284 -19.71 44.59 -22.89
C CYS C 284 -20.75 45.49 -22.24
N ASP C 285 -20.33 46.28 -21.26
CA ASP C 285 -21.16 47.32 -20.68
C ASP C 285 -21.79 48.11 -21.82
N GLU C 286 -20.98 48.42 -22.82
CA GLU C 286 -21.35 49.30 -23.90
C GLU C 286 -22.10 48.59 -25.04
N ASP C 287 -22.34 47.27 -24.93
CA ASP C 287 -23.38 46.58 -25.70
C ASP C 287 -23.48 45.11 -25.26
N PRO C 288 -24.64 44.71 -24.73
CA PRO C 288 -24.75 43.38 -24.10
C PRO C 288 -24.54 42.23 -25.08
N GLN C 289 -24.43 42.54 -26.37
CA GLN C 289 -24.35 41.50 -27.39
C GLN C 289 -22.94 40.98 -27.61
N LEU C 290 -21.92 41.70 -27.12
CA LEU C 290 -20.54 41.31 -27.37
C LEU C 290 -20.13 40.11 -26.52
N PHE C 291 -20.40 40.17 -25.21
CA PHE C 291 -19.98 39.08 -24.34
C PHE C 291 -20.48 37.75 -24.85
N ALA C 292 -21.73 37.71 -25.31
CA ALA C 292 -22.33 36.47 -25.76
C ALA C 292 -21.73 35.96 -27.08
N TYR C 293 -20.92 36.75 -27.76
CA TYR C 293 -20.45 36.34 -29.07
C TYR C 293 -19.45 35.18 -28.93
N ASN C 294 -19.79 34.02 -29.50
CA ASN C 294 -18.84 32.94 -29.68
C ASN C 294 -18.66 32.70 -31.17
N PHE C 295 -17.44 32.94 -31.66
CA PHE C 295 -17.14 32.93 -33.08
C PHE C 295 -17.42 31.58 -33.76
N ARG C 296 -17.80 30.55 -33.01
CA ARG C 296 -18.04 29.26 -33.64
C ARG C 296 -19.48 29.07 -34.12
N GLU C 297 -20.45 29.71 -33.46
CA GLU C 297 -21.81 29.73 -34.00
C GLU C 297 -21.84 30.44 -35.35
N GLU C 298 -21.25 31.63 -35.43
CA GLU C 298 -21.17 32.39 -36.67
C GLU C 298 -20.29 31.69 -37.70
N SAM E . -1.22 -10.62 4.53
CA SAM E . -1.22 -9.18 4.34
C SAM E . 0.13 -8.73 3.82
O SAM E . 0.32 -7.55 3.50
OXT SAM E . 1.06 -9.52 3.71
CB SAM E . -1.55 -8.46 5.63
CG SAM E . -0.71 -8.90 6.83
SD SAM E . -1.74 -9.00 8.31
CE SAM E . -0.52 -8.95 9.65
C5' SAM E . -2.24 -10.75 8.20
C4' SAM E . -3.42 -11.18 7.32
O4' SAM E . -3.66 -12.57 7.54
C3' SAM E . -4.74 -10.50 7.66
O3' SAM E . -5.38 -10.15 6.46
C2' SAM E . -5.64 -11.52 8.30
O2' SAM E . -6.91 -11.37 7.75
C1' SAM E . -5.03 -12.83 7.86
N9 SAM E . -5.21 -13.95 8.82
C8 SAM E . -4.85 -14.03 10.14
N7 SAM E . -5.20 -15.24 10.64
C5 SAM E . -5.78 -15.95 9.64
C6 SAM E . -6.32 -17.24 9.59
N6 SAM E . -6.33 -18.04 10.65
N1 SAM E . -6.86 -17.68 8.40
C2 SAM E . -6.86 -16.85 7.29
N3 SAM E . -6.32 -15.58 7.34
C4 SAM E . -5.80 -15.15 8.50
C1 PEG F . -1.55 -3.88 -3.85
O1 PEG F . -0.43 -3.29 -3.17
C2 PEG F . -2.87 -3.31 -3.31
O2 PEG F . -3.99 -3.92 -3.99
C3 PEG F . -5.15 -3.34 -3.39
C4 PEG F . -6.40 -3.95 -4.02
O4 PEG F . -7.54 -3.36 -3.39
N SAM G . -4.17 6.45 -4.45
CA SAM G . -5.03 7.26 -3.61
C SAM G . -4.91 6.81 -2.16
O SAM G . -4.58 5.66 -1.88
OXT SAM G . -5.11 7.62 -1.24
CB SAM G . -6.45 7.18 -4.15
CG SAM G . -6.38 7.46 -5.65
SD SAM G . -7.45 6.46 -6.73
CE SAM G . -6.58 6.58 -8.33
C5' SAM G . -8.85 7.61 -6.98
C4' SAM G . -10.13 7.35 -6.19
O4' SAM G . -11.03 8.44 -6.25
C3' SAM G . -10.90 6.13 -6.70
O3' SAM G . -10.94 5.20 -5.65
C2' SAM G . -12.31 6.61 -7.02
O2' SAM G . -13.32 5.83 -6.41
C1' SAM G . -12.38 8.01 -6.44
N9 SAM G . -13.16 8.92 -7.31
C8 SAM G . -12.98 9.12 -8.66
N7 SAM G . -13.88 10.04 -9.08
C5 SAM G . -14.64 10.43 -8.01
C6 SAM G . -15.69 11.34 -7.89
N6 SAM G . -16.14 12.02 -8.94
N1 SAM G . -16.27 11.52 -6.65
C2 SAM G . -15.80 10.82 -5.55
N3 SAM G . -14.75 9.91 -5.68
C4 SAM G . -14.18 9.73 -6.90
#